data_4ESI
#
_entry.id   4ESI
#
_cell.length_a   68.359
_cell.length_b   68.359
_cell.length_c   141.088
_cell.angle_alpha   90.000
_cell.angle_beta   90.000
_cell.angle_gamma   90.000
#
_symmetry.space_group_name_H-M   'P 41 21 2'
#
loop_
_entity.id
_entity.type
_entity.pdbx_description
1 polymer Ricin
2 non-polymer 2-amino-4-oxo-N-(1H-1,2,3-triazol-5-ylmethyl)-1,4-dihydropteridine-7-carboxamide
3 water water
#
_entity_poly.entity_id   1
_entity_poly.type   'polypeptide(L)'
_entity_poly.pdbx_seq_one_letter_code
;IFPKQYPIINFTTAGATVQSYTNFIRAVRGRLTTGADVRHEIPVLPNRVGLPINQRFILVELSNHAELSVTLALDVTNAY
VVGYRAGNSAYFFHPDNQEDAEAITHLFTDVQNRYTFAFGGNYDRLEQLAGNLRENIELGNGPLEEAISALYYYSTGGTQ
LPTLARSFIICIQMISEAARFQYIEGEMRTRIRYNRRSAPDPSVITLENSWGRLSTAIQESNQGAFASPIQLQRRNGSKF
SVYDVSILIPIIALMVYRCAPPPSSQF
;
_entity_poly.pdbx_strand_id   A
#
loop_
_chem_comp.id
_chem_comp.type
_chem_comp.name
_chem_comp.formula
0RB non-polymer 2-amino-4-oxo-N-(1H-1,2,3-triazol-5-ylmethyl)-1,4-dihydropteridine-7-carboxamide 'C10 H9 N9 O2'
#
# COMPACT_ATOMS: atom_id res chain seq x y z
N GLN A 5 13.27 -17.50 4.05
CA GLN A 5 12.41 -16.56 4.85
C GLN A 5 12.17 -15.14 4.14
N TYR A 6 11.03 -14.47 4.44
CA TYR A 6 10.52 -13.31 3.66
C TYR A 6 11.40 -12.07 3.70
N PRO A 7 11.55 -11.40 2.54
CA PRO A 7 12.40 -10.24 2.45
C PRO A 7 11.88 -9.06 3.31
N ILE A 8 12.81 -8.31 3.87
CA ILE A 8 12.50 -7.13 4.66
C ILE A 8 13.06 -5.86 4.00
N ILE A 9 12.22 -4.85 3.81
CA ILE A 9 12.74 -3.54 3.47
C ILE A 9 12.67 -2.64 4.73
N ASN A 10 13.76 -1.95 5.08
CA ASN A 10 13.78 -0.96 6.22
C ASN A 10 13.52 0.43 5.75
N PHE A 11 12.79 1.23 6.51
CA PHE A 11 12.66 2.68 6.21
C PHE A 11 12.58 3.37 7.56
N THR A 12 13.23 4.49 7.69
CA THR A 12 12.97 5.31 8.93
C THR A 12 12.48 6.72 8.67
N THR A 13 11.51 7.16 9.48
CA THR A 13 11.12 8.53 9.36
C THR A 13 12.22 9.46 9.98
N ALA A 14 13.12 8.94 10.83
CA ALA A 14 14.16 9.76 11.48
C ALA A 14 15.08 10.49 10.45
N GLY A 15 15.78 9.73 9.68
CA GLY A 15 16.51 10.48 8.63
C GLY A 15 15.80 11.39 7.61
N ALA A 16 14.49 11.32 7.52
CA ALA A 16 13.91 11.16 6.16
C ALA A 16 14.18 12.28 5.12
N THR A 17 14.64 11.90 3.92
CA THR A 17 14.73 12.88 2.85
C THR A 17 14.02 12.35 1.61
N VAL A 18 13.87 13.17 0.59
CA VAL A 18 13.18 12.59 -0.62
C VAL A 18 13.99 11.40 -1.11
N GLN A 19 15.31 11.52 -1.07
CA GLN A 19 16.21 10.39 -1.47
C GLN A 19 15.96 9.13 -0.69
N SER A 20 15.89 9.22 0.64
CA SER A 20 15.82 7.96 1.38
C SER A 20 14.43 7.35 1.16
N TYR A 21 13.38 8.18 1.03
CA TYR A 21 12.03 7.66 0.82
C TYR A 21 11.88 7.05 -0.58
N THR A 22 12.43 7.72 -1.59
CA THR A 22 12.52 7.12 -2.96
C THR A 22 13.22 5.75 -2.92
N ASN A 23 14.36 5.67 -2.21
CA ASN A 23 15.15 4.41 -2.19
C ASN A 23 14.26 3.36 -1.59
N PHE A 24 13.52 3.78 -0.55
CA PHE A 24 12.59 2.90 0.17
C PHE A 24 11.48 2.39 -0.78
N ILE A 25 10.77 3.32 -1.43
CA ILE A 25 9.66 2.87 -2.32
C ILE A 25 10.22 1.99 -3.44
N ARG A 26 11.36 2.40 -3.97
CA ARG A 26 11.85 1.63 -5.11
C ARG A 26 12.19 0.18 -4.71
N ALA A 27 12.71 0.00 -3.50
CA ALA A 27 13.03 -1.32 -3.04
C ALA A 27 11.77 -2.13 -2.73
N VAL A 28 10.68 -1.47 -2.30
CA VAL A 28 9.41 -2.20 -2.10
C VAL A 28 8.85 -2.74 -3.43
N ARG A 29 8.86 -1.91 -4.47
CA ARG A 29 8.40 -2.31 -5.83
C ARG A 29 9.25 -3.49 -6.27
N GLY A 30 10.54 -3.38 -6.01
CA GLY A 30 11.50 -4.39 -6.43
C GLY A 30 11.21 -5.76 -5.81
N ARG A 31 10.73 -5.79 -4.57
CA ARG A 31 10.38 -7.06 -3.92
C ARG A 31 8.95 -7.50 -4.18
N LEU A 32 8.12 -6.56 -4.62
CA LEU A 32 6.74 -6.89 -4.96
C LEU A 32 6.65 -7.55 -6.31
N THR A 33 7.40 -7.04 -7.30
CA THR A 33 7.28 -7.59 -8.67
C THR A 33 8.55 -8.35 -9.00
N THR A 34 8.45 -9.33 -9.91
CA THR A 34 9.65 -10.10 -10.28
C THR A 34 10.30 -9.62 -11.58
N GLY A 35 9.62 -8.80 -12.37
CA GLY A 35 10.06 -8.55 -13.79
C GLY A 35 9.63 -9.58 -14.83
N ALA A 36 8.95 -10.62 -14.37
CA ALA A 36 8.41 -11.61 -15.27
C ALA A 36 7.25 -11.10 -16.14
N ASP A 37 6.53 -10.07 -15.69
CA ASP A 37 5.18 -9.78 -16.22
C ASP A 37 5.13 -8.27 -16.26
N VAL A 38 5.20 -7.74 -17.47
CA VAL A 38 5.19 -6.27 -17.66
C VAL A 38 4.36 -6.13 -18.90
N ARG A 39 3.37 -5.23 -18.87
CA ARG A 39 2.42 -5.04 -19.94
C ARG A 39 2.30 -3.54 -20.21
N HIS A 40 2.63 -3.15 -21.43
CA HIS A 40 2.68 -1.74 -21.78
C HIS A 40 3.53 -1.03 -20.85
N GLU A 41 4.68 -1.63 -20.59
CA GLU A 41 5.72 -1.10 -19.70
C GLU A 41 5.32 -1.00 -18.20
N ILE A 42 4.15 -1.49 -17.81
CA ILE A 42 3.79 -1.44 -16.36
C ILE A 42 3.88 -2.85 -15.78
N PRO A 43 4.69 -3.07 -14.68
CA PRO A 43 4.85 -4.37 -14.00
C PRO A 43 3.53 -4.87 -13.43
N VAL A 44 3.34 -6.16 -13.45
CA VAL A 44 2.16 -6.77 -12.88
C VAL A 44 2.63 -7.56 -11.70
N LEU A 45 1.90 -7.42 -10.61
CA LEU A 45 2.14 -8.26 -9.43
C LEU A 45 1.91 -9.76 -9.72
N PRO A 46 2.56 -10.66 -8.93
CA PRO A 46 2.37 -12.08 -9.12
C PRO A 46 0.89 -12.51 -9.01
N ASN A 47 0.56 -13.46 -9.86
CA ASN A 47 -0.70 -14.16 -9.77
C ASN A 47 -0.80 -14.92 -8.43
N ARG A 48 -1.84 -14.66 -7.68
CA ARG A 48 -2.04 -15.44 -6.47
C ARG A 48 -2.23 -16.96 -6.77
N VAL A 49 -2.85 -17.35 -7.89
CA VAL A 49 -3.09 -18.81 -8.16
C VAL A 49 -1.78 -19.53 -8.37
N GLY A 50 -1.54 -20.54 -7.55
CA GLY A 50 -0.28 -21.30 -7.62
C GLY A 50 0.96 -20.63 -7.07
N LEU A 51 0.79 -19.44 -6.46
CA LEU A 51 1.91 -18.74 -5.83
C LEU A 51 2.33 -19.47 -4.54
N PRO A 52 3.55 -20.02 -4.49
CA PRO A 52 3.97 -20.77 -3.29
C PRO A 52 4.06 -19.86 -2.08
N ILE A 53 3.73 -20.41 -0.91
CA ILE A 53 3.62 -19.65 0.33
C ILE A 53 4.91 -18.90 0.69
N ASN A 54 6.09 -19.45 0.31
CA ASN A 54 7.40 -18.89 0.65
C ASN A 54 7.70 -17.62 -0.15
N GLN A 55 6.81 -17.29 -1.09
CA GLN A 55 6.95 -16.16 -1.98
C GLN A 55 5.82 -15.15 -1.80
N ARG A 56 4.98 -15.35 -0.77
CA ARG A 56 3.69 -14.67 -0.68
C ARG A 56 3.75 -13.27 -0.04
N PHE A 57 4.71 -13.03 0.85
CA PHE A 57 4.82 -11.79 1.56
C PHE A 57 6.17 -11.12 1.49
N ILE A 58 6.09 -9.83 1.76
CA ILE A 58 7.26 -9.04 2.07
C ILE A 58 7.09 -8.36 3.41
N LEU A 59 8.19 -7.96 4.01
CA LEU A 59 8.11 -7.22 5.25
C LEU A 59 8.73 -5.87 5.13
N VAL A 60 8.08 -4.88 5.74
CA VAL A 60 8.54 -3.51 5.78
C VAL A 60 8.72 -3.09 7.26
N GLU A 61 9.97 -2.97 7.67
CA GLU A 61 10.34 -2.56 9.05
C GLU A 61 10.43 -1.05 9.14
N LEU A 62 9.51 -0.46 9.88
CA LEU A 62 9.46 0.94 9.97
C LEU A 62 10.08 1.36 11.31
N SER A 63 11.01 2.31 11.27
CA SER A 63 11.54 2.95 12.48
C SER A 63 11.27 4.44 12.50
N ASN A 64 11.39 5.02 13.68
CA ASN A 64 11.08 6.40 13.84
C ASN A 64 12.04 7.17 14.78
N HIS A 65 11.96 8.50 14.79
CA HIS A 65 12.90 9.29 15.59
C HIS A 65 12.77 9.00 17.10
N ALA A 66 11.56 8.66 17.56
CA ALA A 66 11.32 8.15 18.92
C ALA A 66 11.88 6.74 19.24
N GLU A 67 12.66 6.16 18.30
CA GLU A 67 13.43 4.92 18.49
C GLU A 67 12.57 3.68 18.65
N LEU A 68 11.43 3.65 17.98
CA LEU A 68 10.53 2.54 18.09
C LEU A 68 10.52 1.93 16.74
N SER A 69 10.20 0.67 16.69
CA SER A 69 9.94 0.10 15.40
C SER A 69 8.76 -0.86 15.40
N VAL A 70 8.27 -1.07 14.17
CA VAL A 70 7.10 -1.86 13.90
C VAL A 70 7.35 -2.54 12.51
N THR A 71 6.87 -3.76 12.30
CA THR A 71 7.02 -4.44 10.99
C THR A 71 5.67 -4.69 10.33
N LEU A 72 5.44 -4.14 9.14
CA LEU A 72 4.19 -4.40 8.44
C LEU A 72 4.41 -5.59 7.52
N ALA A 73 3.40 -6.44 7.34
CA ALA A 73 3.44 -7.48 6.29
C ALA A 73 2.60 -7.04 5.07
N LEU A 74 3.23 -7.02 3.88
CA LEU A 74 2.53 -6.78 2.62
C LEU A 74 2.37 -8.09 1.86
N ASP A 75 1.14 -8.31 1.39
CA ASP A 75 0.82 -9.36 0.43
C ASP A 75 1.34 -8.94 -0.95
N VAL A 76 2.17 -9.81 -1.53
CA VAL A 76 2.79 -9.46 -2.84
C VAL A 76 1.75 -9.50 -4.01
N THR A 77 0.63 -10.19 -3.83
CA THR A 77 -0.40 -10.31 -4.90
C THR A 77 -1.15 -9.03 -5.12
N ASN A 78 -1.21 -8.16 -4.09
CA ASN A 78 -2.02 -6.89 -4.18
C ASN A 78 -1.37 -5.70 -3.47
N ALA A 79 -0.19 -5.90 -2.92
CA ALA A 79 0.55 -4.94 -2.08
C ALA A 79 -0.21 -4.52 -0.77
N TYR A 80 -1.21 -5.27 -0.37
CA TYR A 80 -2.06 -4.82 0.83
C TYR A 80 -1.27 -5.09 2.11
N VAL A 81 -1.35 -4.14 3.03
CA VAL A 81 -0.89 -4.36 4.38
C VAL A 81 -1.84 -5.37 5.01
N VAL A 82 -1.32 -6.56 5.40
CA VAL A 82 -2.22 -7.62 5.94
C VAL A 82 -2.18 -7.68 7.48
N GLY A 83 -1.18 -7.02 8.03
CA GLY A 83 -0.90 -7.15 9.46
C GLY A 83 0.38 -6.49 9.82
N TYR A 84 0.64 -6.46 11.13
CA TYR A 84 1.87 -5.89 11.62
C TYR A 84 2.40 -6.51 12.89
N ARG A 85 3.69 -6.35 13.16
CA ARG A 85 4.25 -6.82 14.45
C ARG A 85 4.80 -5.62 15.16
N ALA A 86 4.59 -5.54 16.49
CA ALA A 86 5.39 -4.65 17.37
C ALA A 86 5.82 -5.45 18.59
N GLY A 87 7.14 -5.57 18.77
CA GLY A 87 7.74 -6.42 19.81
C GLY A 87 7.04 -7.77 19.83
N ASN A 88 6.34 -8.00 20.94
CA ASN A 88 5.89 -9.33 21.22
C ASN A 88 4.46 -9.65 20.80
N SER A 89 3.79 -8.76 20.04
CA SER A 89 2.40 -9.05 19.60
C SER A 89 2.28 -8.84 18.08
N ALA A 90 1.42 -9.60 17.41
CA ALA A 90 1.08 -9.26 16.01
C ALA A 90 -0.42 -9.20 15.84
N TYR A 91 -0.84 -8.36 14.89
CA TYR A 91 -2.27 -8.23 14.64
C TYR A 91 -2.49 -8.38 13.17
N PHE A 92 -3.51 -9.13 12.75
CA PHE A 92 -3.86 -9.17 11.36
C PHE A 92 -5.27 -8.72 11.09
N PHE A 93 -5.45 -8.09 9.93
CA PHE A 93 -6.84 -7.73 9.52
C PHE A 93 -7.63 -9.00 9.31
N HIS A 94 -8.96 -8.90 9.39
CA HIS A 94 -9.84 -10.12 9.34
C HIS A 94 -9.73 -10.59 7.93
N PRO A 95 -9.33 -11.86 7.70
CA PRO A 95 -9.14 -12.35 6.31
C PRO A 95 -10.42 -12.51 5.49
N ASP A 96 -10.31 -12.29 4.17
CA ASP A 96 -11.40 -12.39 3.23
C ASP A 96 -11.87 -13.82 3.00
N ASN A 97 -10.97 -14.77 3.17
CA ASN A 97 -11.23 -16.18 2.85
C ASN A 97 -10.32 -17.11 3.61
N GLN A 98 -10.60 -18.40 3.49
CA GLN A 98 -9.87 -19.44 4.24
C GLN A 98 -8.41 -19.50 3.81
N GLU A 99 -8.15 -19.32 2.52
CA GLU A 99 -6.75 -19.40 2.02
C GLU A 99 -5.87 -18.27 2.59
N ASP A 100 -6.41 -17.08 2.65
CA ASP A 100 -5.67 -15.99 3.31
C ASP A 100 -5.42 -16.17 4.81
N ALA A 101 -6.46 -16.68 5.50
CA ALA A 101 -6.42 -17.11 6.89
C ALA A 101 -5.26 -18.07 7.08
N GLU A 102 -5.16 -19.12 6.25
CA GLU A 102 -3.99 -20.02 6.37
C GLU A 102 -2.68 -19.28 6.02
N ALA A 103 -2.69 -18.49 4.95
CA ALA A 103 -1.44 -17.86 4.51
C ALA A 103 -0.82 -16.99 5.62
N ILE A 104 -1.67 -16.23 6.34
CA ILE A 104 -1.14 -15.36 7.38
C ILE A 104 -0.50 -16.10 8.59
N THR A 105 -0.86 -17.36 8.85
CA THR A 105 -0.12 -18.20 9.80
C THR A 105 1.36 -18.30 9.54
N HIS A 106 1.83 -18.02 8.30
CA HIS A 106 3.26 -18.11 7.96
C HIS A 106 4.00 -16.84 8.23
N LEU A 107 3.32 -15.84 8.78
CA LEU A 107 3.96 -14.59 9.19
C LEU A 107 4.22 -14.50 10.69
N PHE A 108 5.37 -13.93 11.05
CA PHE A 108 5.64 -13.51 12.45
C PHE A 108 5.48 -14.71 13.35
N THR A 109 6.01 -15.83 12.92
CA THR A 109 5.62 -17.12 13.48
C THR A 109 6.09 -17.37 14.95
N ASP A 110 7.12 -16.65 15.40
CA ASP A 110 7.60 -16.83 16.78
C ASP A 110 7.05 -15.82 17.78
N VAL A 111 6.13 -14.96 17.34
CA VAL A 111 5.54 -13.92 18.19
C VAL A 111 4.70 -14.58 19.25
N GLN A 112 4.79 -14.08 20.47
CA GLN A 112 3.89 -14.59 21.51
C GLN A 112 2.81 -13.55 21.43
N ASN A 113 1.57 -13.96 21.43
CA ASN A 113 0.48 -13.01 21.20
C ASN A 113 0.29 -12.65 19.74
N ARG A 114 -0.65 -13.35 19.15
CA ARG A 114 -1.05 -13.18 17.80
C ARG A 114 -2.52 -12.97 17.89
N TYR A 115 -3.02 -11.93 17.23
CA TYR A 115 -4.44 -11.61 17.26
C TYR A 115 -4.93 -11.34 15.86
N THR A 116 -6.15 -11.77 15.57
CA THR A 116 -6.78 -11.34 14.32
C THR A 116 -7.87 -10.34 14.71
N PHE A 117 -7.85 -9.16 14.12
CA PHE A 117 -8.89 -8.16 14.37
C PHE A 117 -10.17 -8.74 13.82
N ALA A 118 -11.31 -8.39 14.41
CA ALA A 118 -12.60 -8.82 13.86
C ALA A 118 -13.05 -7.99 12.70
N PHE A 119 -12.24 -6.98 12.29
CA PHE A 119 -12.64 -6.10 11.16
C PHE A 119 -11.64 -6.30 9.97
N GLY A 120 -12.07 -6.03 8.72
CA GLY A 120 -11.10 -6.13 7.58
C GLY A 120 -10.23 -4.86 7.50
N GLY A 121 -9.18 -4.85 6.67
CA GLY A 121 -8.37 -3.59 6.51
C GLY A 121 -8.62 -2.74 5.27
N ASN A 122 -9.82 -2.80 4.70
CA ASN A 122 -10.09 -1.99 3.52
C ASN A 122 -10.30 -0.57 3.96
N TYR A 123 -10.05 0.42 3.08
CA TYR A 123 -10.25 1.83 3.52
C TYR A 123 -11.64 2.13 4.14
N ASP A 124 -12.72 1.62 3.54
CA ASP A 124 -14.07 1.97 4.01
C ASP A 124 -14.21 1.65 5.52
N ARG A 125 -13.77 0.46 5.91
CA ARG A 125 -13.78 -0.01 7.31
C ARG A 125 -12.87 0.84 8.15
N LEU A 126 -11.67 1.13 7.64
CA LEU A 126 -10.67 1.79 8.51
C LEU A 126 -11.14 3.18 8.80
N GLU A 127 -11.77 3.79 7.80
CA GLU A 127 -12.30 5.13 7.83
C GLU A 127 -13.48 5.27 8.81
N GLN A 128 -14.41 4.31 8.83
CA GLN A 128 -15.46 4.29 9.90
C GLN A 128 -14.80 4.24 11.25
N LEU A 129 -13.87 3.28 11.45
CA LEU A 129 -13.26 3.12 12.76
C LEU A 129 -12.48 4.39 13.17
N ALA A 130 -11.88 5.06 12.21
CA ALA A 130 -11.06 6.20 12.54
C ALA A 130 -11.91 7.40 12.87
N GLY A 131 -13.16 7.38 12.41
CA GLY A 131 -14.11 8.51 12.42
C GLY A 131 -13.63 9.63 11.51
N ASN A 132 -12.87 9.30 10.45
CA ASN A 132 -12.36 10.32 9.50
C ASN A 132 -12.15 9.65 8.10
N LEU A 133 -12.35 10.41 7.05
CA LEU A 133 -12.11 9.92 5.68
C LEU A 133 -10.65 10.13 5.29
N ARG A 134 -10.15 9.38 4.30
CA ARG A 134 -8.85 9.73 3.77
C ARG A 134 -8.65 11.19 3.48
N GLU A 135 -9.66 11.89 2.90
CA GLU A 135 -9.46 13.29 2.57
C GLU A 135 -9.21 14.22 3.73
N ASN A 136 -9.45 13.77 4.96
CA ASN A 136 -9.22 14.62 6.17
C ASN A 136 -8.12 14.10 7.07
N ILE A 137 -7.27 13.19 6.57
CA ILE A 137 -6.14 12.64 7.33
C ILE A 137 -4.83 13.09 6.68
N GLU A 138 -4.10 13.95 7.38
CA GLU A 138 -2.89 14.48 6.78
C GLU A 138 -1.82 13.36 6.70
N LEU A 139 -1.03 13.43 5.61
CA LEU A 139 0.05 12.53 5.30
C LEU A 139 1.31 13.29 5.25
N GLY A 140 2.42 12.59 5.48
CA GLY A 140 3.73 13.20 5.41
C GLY A 140 4.62 12.43 6.39
N ASN A 141 5.88 12.86 6.50
CA ASN A 141 6.83 12.26 7.42
C ASN A 141 6.41 12.40 8.93
N GLY A 142 5.75 13.48 9.32
CA GLY A 142 5.28 13.67 10.70
C GLY A 142 4.13 12.70 11.03
N PRO A 143 3.08 12.65 10.19
CA PRO A 143 2.04 11.62 10.35
C PRO A 143 2.60 10.21 10.42
N LEU A 144 3.56 9.90 9.55
CA LEU A 144 4.16 8.59 9.57
C LEU A 144 4.95 8.28 10.87
N GLU A 145 5.73 9.26 11.30
CA GLU A 145 6.52 9.16 12.57
C GLU A 145 5.50 8.82 13.72
N GLU A 146 4.35 9.47 13.71
CA GLU A 146 3.37 9.31 14.79
C GLU A 146 2.60 8.03 14.61
N ALA A 147 2.36 7.61 13.35
CA ALA A 147 1.68 6.31 13.10
C ALA A 147 2.52 5.19 13.59
N ILE A 148 3.83 5.31 13.41
CA ILE A 148 4.71 4.28 13.90
C ILE A 148 4.60 4.08 15.43
N SER A 149 4.66 5.18 16.15
CA SER A 149 4.49 5.17 17.63
C SER A 149 3.13 4.59 18.01
N ALA A 150 2.04 4.99 17.34
CA ALA A 150 0.68 4.54 17.64
C ALA A 150 0.51 3.05 17.47
N LEU A 151 1.10 2.52 16.39
CA LEU A 151 1.02 1.11 16.20
C LEU A 151 1.89 0.42 17.24
N TYR A 152 3.00 1.03 17.63
CA TYR A 152 3.91 0.35 18.50
C TYR A 152 3.26 0.25 19.90
N TYR A 153 2.45 1.22 20.32
CA TYR A 153 1.89 1.21 21.70
C TYR A 153 0.51 0.61 21.83
N TYR A 154 -0.10 0.12 20.73
CA TYR A 154 -1.43 -0.50 20.79
C TYR A 154 -1.60 -1.65 21.84
N SER A 155 -0.63 -2.57 21.93
CA SER A 155 -0.81 -3.73 22.79
C SER A 155 -0.92 -3.40 24.30
N THR A 156 -0.27 -2.32 24.71
CA THR A 156 -0.33 -1.83 26.08
C THR A 156 -1.50 -0.89 26.36
N GLY A 157 -2.43 -0.71 25.40
CA GLY A 157 -3.60 0.10 25.68
C GLY A 157 -3.42 1.59 25.47
N GLY A 158 -2.21 1.99 25.09
CA GLY A 158 -1.86 3.37 24.91
C GLY A 158 -2.53 4.01 23.71
N THR A 159 -2.92 3.23 22.71
CA THR A 159 -3.50 3.87 21.54
C THR A 159 -4.88 3.41 21.32
N GLN A 160 -5.72 4.41 21.14
CA GLN A 160 -7.17 4.27 21.03
C GLN A 160 -7.46 3.69 19.65
N LEU A 161 -8.54 2.93 19.52
CA LEU A 161 -8.84 2.31 18.24
C LEU A 161 -8.94 3.33 17.07
N PRO A 162 -9.60 4.50 17.28
CA PRO A 162 -9.65 5.41 16.15
C PRO A 162 -8.25 5.82 15.67
N THR A 163 -7.29 5.96 16.58
CA THR A 163 -5.91 6.36 16.24
C THR A 163 -5.17 5.23 15.59
N LEU A 164 -5.39 4.01 16.06
CA LEU A 164 -4.92 2.80 15.37
C LEU A 164 -5.33 2.81 13.87
N ALA A 165 -6.64 2.95 13.59
CA ALA A 165 -7.16 2.91 12.20
C ALA A 165 -6.63 4.08 11.38
N ARG A 166 -6.60 5.27 11.98
CA ARG A 166 -6.01 6.38 11.36
C ARG A 166 -4.52 6.10 10.94
N SER A 167 -3.76 5.52 11.85
CA SER A 167 -2.36 5.16 11.68
C SER A 167 -2.18 4.15 10.53
N PHE A 168 -3.08 3.17 10.41
CA PHE A 168 -2.99 2.24 9.26
C PHE A 168 -3.23 2.98 7.96
N ILE A 169 -4.21 3.90 7.97
CA ILE A 169 -4.59 4.64 6.78
C ILE A 169 -3.38 5.43 6.29
N ILE A 170 -2.65 6.01 7.21
CA ILE A 170 -1.40 6.67 6.92
C ILE A 170 -0.33 5.74 6.30
N CYS A 171 -0.09 4.61 6.94
CA CYS A 171 0.89 3.64 6.47
C CYS A 171 0.52 3.07 5.12
N ILE A 172 -0.74 2.66 4.98
CA ILE A 172 -1.13 2.10 3.71
C ILE A 172 -0.81 3.07 2.57
N GLN A 173 -1.23 4.33 2.70
CA GLN A 173 -1.03 5.25 1.57
C GLN A 173 0.43 5.60 1.31
N MET A 174 1.18 5.74 2.38
CA MET A 174 2.57 6.17 2.26
C MET A 174 3.49 5.08 1.79
N ILE A 175 2.97 3.87 1.90
CA ILE A 175 3.75 2.71 1.54
C ILE A 175 3.16 1.92 0.35
N SER A 176 2.02 1.28 0.52
CA SER A 176 1.41 0.49 -0.54
C SER A 176 0.91 1.36 -1.72
N GLU A 177 0.21 2.44 -1.44
CA GLU A 177 -0.26 3.31 -2.55
C GLU A 177 0.93 3.97 -3.29
N ALA A 178 1.98 4.29 -2.55
CA ALA A 178 3.13 4.97 -3.15
C ALA A 178 3.86 3.98 -4.06
N ALA A 179 3.93 2.72 -3.62
CA ALA A 179 4.49 1.62 -4.42
C ALA A 179 3.65 1.37 -5.68
N ARG A 180 2.34 1.43 -5.53
CA ARG A 180 1.39 1.32 -6.71
C ARG A 180 1.48 2.45 -7.73
N PHE A 181 1.71 3.71 -7.28
CA PHE A 181 1.57 4.89 -8.17
C PHE A 181 2.77 5.79 -7.99
N GLN A 182 3.62 5.93 -9.03
CA GLN A 182 4.64 7.02 -9.04
C GLN A 182 4.09 8.34 -8.67
N TYR A 183 2.87 8.63 -9.12
CA TYR A 183 2.27 9.89 -8.79
C TYR A 183 2.13 10.10 -7.25
N ILE A 184 1.71 9.07 -6.56
CA ILE A 184 1.46 9.11 -5.10
C ILE A 184 2.80 9.15 -4.41
N GLU A 185 3.78 8.38 -4.92
CA GLU A 185 5.11 8.47 -4.45
C GLU A 185 5.60 9.94 -4.51
N GLY A 186 5.38 10.62 -5.63
CA GLY A 186 5.86 12.03 -5.83
C GLY A 186 5.14 13.02 -4.88
N GLU A 187 3.85 12.80 -4.66
CA GLU A 187 3.08 13.55 -3.60
C GLU A 187 3.69 13.40 -2.22
N MET A 188 4.08 12.20 -1.87
CA MET A 188 4.75 12.03 -0.64
C MET A 188 6.08 12.72 -0.60
N ARG A 189 6.80 12.68 -1.72
CA ARG A 189 8.16 13.27 -1.71
C ARG A 189 8.04 14.76 -1.46
N THR A 190 6.99 15.37 -2.03
CA THR A 190 6.73 16.82 -1.85
C THR A 190 6.56 17.17 -0.36
N ARG A 191 5.68 16.41 0.32
CA ARG A 191 5.47 16.53 1.74
C ARG A 191 6.76 16.40 2.53
N ILE A 192 7.59 15.44 2.16
CA ILE A 192 8.84 15.26 2.88
C ILE A 192 9.85 16.38 2.59
N ARG A 193 9.95 16.78 1.33
CA ARG A 193 10.85 17.85 0.92
C ARG A 193 10.62 19.15 1.69
N TYR A 194 9.35 19.58 1.81
CA TYR A 194 9.05 20.82 2.49
C TYR A 194 8.75 20.58 3.95
N ASN A 195 8.98 19.36 4.42
CA ASN A 195 8.54 18.99 5.79
C ASN A 195 7.15 19.54 6.23
N ARG A 196 6.16 19.47 5.35
CA ARG A 196 4.80 19.84 5.74
C ARG A 196 3.81 18.69 5.50
N ARG A 197 2.96 18.43 6.46
CA ARG A 197 1.92 17.43 6.30
C ARG A 197 0.67 17.98 5.61
N SER A 198 -0.01 17.18 4.79
CA SER A 198 -1.30 17.64 4.29
C SER A 198 -2.05 16.45 3.75
N ALA A 199 -3.35 16.61 3.76
CA ALA A 199 -4.29 15.54 3.41
C ALA A 199 -4.20 15.29 1.89
N PRO A 200 -4.51 14.08 1.42
CA PRO A 200 -4.38 13.79 0.00
C PRO A 200 -5.52 14.48 -0.77
N ASP A 201 -5.22 15.05 -1.93
CA ASP A 201 -6.23 15.84 -2.68
C ASP A 201 -6.89 14.85 -3.63
N PRO A 202 -7.97 15.24 -4.36
CA PRO A 202 -8.77 14.29 -5.12
C PRO A 202 -8.00 13.52 -6.16
N SER A 203 -6.93 14.10 -6.65
CA SER A 203 -6.09 13.42 -7.61
C SER A 203 -5.48 12.14 -7.01
N VAL A 204 -5.06 12.18 -5.73
CA VAL A 204 -4.56 10.99 -5.02
C VAL A 204 -5.72 10.03 -4.70
N ILE A 205 -6.81 10.53 -4.13
CA ILE A 205 -7.90 9.70 -3.64
C ILE A 205 -8.53 8.93 -4.79
N THR A 206 -8.60 9.59 -5.94
CA THR A 206 -9.25 8.93 -7.09
C THR A 206 -8.40 7.82 -7.70
N LEU A 207 -7.09 8.07 -7.77
CA LEU A 207 -6.11 6.99 -8.12
C LEU A 207 -6.21 5.81 -7.20
N GLU A 208 -6.23 6.07 -5.89
CA GLU A 208 -6.32 4.93 -4.93
C GLU A 208 -7.60 4.11 -5.17
N ASN A 209 -8.70 4.82 -5.33
CA ASN A 209 -9.99 4.23 -5.56
C ASN A 209 -10.08 3.45 -6.87
N SER A 210 -9.30 3.87 -7.88
CA SER A 210 -9.40 3.32 -9.18
C SER A 210 -8.36 2.22 -9.47
N TRP A 211 -7.47 1.90 -8.51
CA TRP A 211 -6.37 1.02 -8.84
C TRP A 211 -6.84 -0.26 -9.44
N GLY A 212 -7.88 -0.85 -8.85
CA GLY A 212 -8.25 -2.18 -9.36
C GLY A 212 -8.89 -2.18 -10.76
N ARG A 213 -9.74 -1.17 -10.97
CA ARG A 213 -10.41 -0.95 -12.28
C ARG A 213 -9.36 -0.51 -13.34
N LEU A 214 -8.38 0.33 -12.96
CA LEU A 214 -7.34 0.67 -13.91
C LEU A 214 -6.56 -0.60 -14.27
N SER A 215 -6.27 -1.44 -13.29
CA SER A 215 -5.53 -2.68 -13.56
C SER A 215 -6.32 -3.53 -14.55
N THR A 216 -7.64 -3.67 -14.34
CA THR A 216 -8.41 -4.50 -15.21
C THR A 216 -8.49 -3.89 -16.64
N ALA A 217 -8.77 -2.59 -16.72
CA ALA A 217 -8.94 -1.89 -18.00
C ALA A 217 -7.66 -2.04 -18.84
N ILE A 218 -6.51 -1.91 -18.17
CA ILE A 218 -5.22 -2.05 -18.91
C ILE A 218 -5.01 -3.46 -19.47
N GLN A 219 -5.27 -4.45 -18.63
CA GLN A 219 -5.06 -5.84 -18.99
C GLN A 219 -6.08 -6.31 -20.01
N GLU A 220 -7.28 -5.71 -20.01
CA GLU A 220 -8.37 -6.01 -21.02
C GLU A 220 -8.28 -5.17 -22.27
N SER A 221 -7.41 -4.16 -22.29
CA SER A 221 -7.34 -3.25 -23.38
C SER A 221 -7.01 -3.89 -24.74
N ASN A 222 -7.49 -3.26 -25.82
CA ASN A 222 -7.02 -3.68 -27.16
C ASN A 222 -5.80 -2.88 -27.58
N GLN A 223 -4.60 -3.48 -27.46
CA GLN A 223 -3.33 -2.85 -27.80
C GLN A 223 -3.16 -1.53 -27.00
N GLY A 224 -3.71 -1.49 -25.79
CA GLY A 224 -3.55 -0.25 -25.00
C GLY A 224 -4.88 0.50 -24.88
N ALA A 225 -5.79 0.30 -25.85
CA ALA A 225 -6.98 1.12 -25.89
C ALA A 225 -8.08 0.54 -25.02
N PHE A 226 -8.59 1.36 -24.08
CA PHE A 226 -9.71 1.00 -23.17
C PHE A 226 -11.02 0.75 -23.92
N ALA A 227 -11.73 -0.31 -23.59
CA ALA A 227 -13.05 -0.46 -24.18
C ALA A 227 -14.02 0.65 -23.66
N SER A 228 -13.87 0.96 -22.36
CA SER A 228 -14.69 1.95 -21.69
C SER A 228 -13.71 2.89 -21.01
N PRO A 229 -13.85 4.20 -21.25
CA PRO A 229 -12.96 5.16 -20.58
C PRO A 229 -13.16 5.18 -19.04
N ILE A 230 -12.14 5.60 -18.29
CA ILE A 230 -12.21 5.62 -16.83
C ILE A 230 -12.03 7.05 -16.39
N GLN A 231 -12.89 7.51 -15.49
CA GLN A 231 -12.81 8.91 -15.01
C GLN A 231 -11.96 9.00 -13.75
N LEU A 232 -10.90 9.81 -13.81
CA LEU A 232 -10.13 10.22 -12.63
C LEU A 232 -10.46 11.67 -12.29
N GLN A 233 -9.89 12.18 -11.19
CA GLN A 233 -9.98 13.62 -10.92
C GLN A 233 -8.63 14.28 -10.95
N ARG A 234 -8.55 15.54 -11.38
CA ARG A 234 -7.30 16.36 -11.18
C ARG A 234 -7.32 16.92 -9.77
N ARG A 235 -6.28 17.66 -9.38
CA ARG A 235 -6.17 18.20 -8.01
C ARG A 235 -7.37 19.05 -7.57
N ASN A 236 -7.98 19.78 -8.51
CA ASN A 236 -9.06 20.69 -8.19
C ASN A 236 -10.38 19.97 -8.23
N GLY A 237 -10.31 18.65 -8.37
CA GLY A 237 -11.50 17.84 -8.49
C GLY A 237 -12.15 17.79 -9.87
N SER A 238 -11.65 18.47 -10.89
CA SER A 238 -12.28 18.28 -12.22
C SER A 238 -12.04 16.89 -12.88
N LYS A 239 -12.92 16.48 -13.79
CA LYS A 239 -12.83 15.19 -14.51
C LYS A 239 -11.54 15.11 -15.37
N PHE A 240 -11.04 13.89 -15.56
CA PHE A 240 -9.92 13.60 -16.46
C PHE A 240 -10.27 12.18 -16.93
N SER A 241 -10.60 12.05 -18.20
CA SER A 241 -10.86 10.75 -18.77
C SER A 241 -9.59 10.09 -19.23
N VAL A 242 -9.50 8.82 -18.87
CA VAL A 242 -8.41 7.98 -19.30
C VAL A 242 -9.02 7.02 -20.34
N TYR A 243 -8.43 7.03 -21.54
CA TYR A 243 -8.92 6.28 -22.72
C TYR A 243 -7.91 5.23 -23.03
N ASP A 244 -6.71 5.39 -22.50
CA ASP A 244 -5.57 4.58 -22.97
C ASP A 244 -4.57 4.38 -21.87
N VAL A 245 -3.85 3.26 -21.92
CA VAL A 245 -2.75 2.99 -21.00
C VAL A 245 -1.64 4.05 -21.08
N SER A 246 -1.46 4.67 -22.26
CA SER A 246 -0.28 5.49 -22.50
C SER A 246 -0.20 6.61 -21.52
N ILE A 247 -1.35 7.20 -21.19
CA ILE A 247 -1.38 8.39 -20.32
C ILE A 247 -1.05 8.01 -18.90
N LEU A 248 -1.15 6.71 -18.59
CA LEU A 248 -0.85 6.23 -17.21
C LEU A 248 0.57 5.76 -16.95
N ILE A 249 1.38 5.69 -18.01
CA ILE A 249 2.77 5.21 -17.83
C ILE A 249 3.56 5.99 -16.76
N PRO A 250 3.49 7.34 -16.73
CA PRO A 250 4.20 8.03 -15.63
C PRO A 250 3.47 7.97 -14.25
N ILE A 251 2.27 7.42 -14.20
CA ILE A 251 1.43 7.51 -13.01
C ILE A 251 1.25 6.23 -12.21
N ILE A 252 1.03 5.11 -12.92
CA ILE A 252 0.85 3.85 -12.28
C ILE A 252 2.13 2.97 -12.40
N ALA A 253 2.62 2.49 -11.27
CA ALA A 253 3.85 1.67 -11.23
C ALA A 253 3.64 0.18 -11.20
N LEU A 254 2.53 -0.29 -10.66
CA LEU A 254 2.33 -1.73 -10.52
C LEU A 254 0.85 -1.99 -10.69
N MET A 255 0.48 -3.11 -11.29
CA MET A 255 -0.90 -3.55 -11.33
C MET A 255 -1.13 -4.89 -10.65
N VAL A 256 -2.33 -5.05 -10.12
CA VAL A 256 -2.81 -6.36 -9.65
C VAL A 256 -3.09 -7.30 -10.84
N TYR A 257 -2.67 -8.55 -10.70
CA TYR A 257 -2.88 -9.56 -11.76
C TYR A 257 -4.34 -9.88 -11.97
N ARG A 258 -4.86 -9.62 -13.16
CA ARG A 258 -6.25 -10.02 -13.47
C ARG A 258 -6.40 -11.21 -14.37
N CYS A 259 -5.57 -11.27 -15.40
CA CYS A 259 -5.62 -12.37 -16.40
C CYS A 259 -4.25 -12.57 -17.00
N ALA A 260 -4.09 -13.69 -17.70
CA ALA A 260 -2.85 -13.94 -18.39
C ALA A 260 -2.84 -12.98 -19.61
N PRO A 261 -1.65 -12.52 -20.07
CA PRO A 261 -1.70 -11.52 -21.16
C PRO A 261 -2.08 -12.21 -22.46
N PRO A 262 -2.81 -11.52 -23.37
CA PRO A 262 -3.06 -12.22 -24.62
C PRO A 262 -1.76 -12.47 -25.43
N PRO A 263 -1.77 -13.45 -26.33
CA PRO A 263 -0.55 -13.48 -27.18
C PRO A 263 -0.28 -12.11 -27.81
N SER A 264 0.98 -11.68 -27.79
CA SER A 264 1.36 -10.46 -28.51
C SER A 264 0.91 -10.69 -29.95
N SER A 265 0.37 -9.67 -30.62
CA SER A 265 -0.09 -9.93 -32.01
C SER A 265 0.13 -8.74 -32.96
C1 0RB B . -4.89 -2.39 3.33
C2 0RB B . -3.83 -1.76 1.31
C3 0RB B . -5.07 -1.22 0.79
C4 0RB B . -6.21 -1.39 1.68
C5 0RB B . -7.50 -0.40 0.00
C6 0RB B . -6.40 -0.26 -0.88
O2 0RB B . -9.82 -0.14 0.32
C7 0RB B . -8.86 -0.03 -0.44
N5 0RB B . -5.18 -0.68 -0.46
O1 0RB B . -2.80 -1.69 0.60
N2 0RB B . -3.84 -2.30 2.53
N4 0RB B . -7.38 -0.93 1.22
N3 0RB B . -6.07 -1.92 2.91
N1 0RB B . -4.72 -2.97 4.55
N6 0RB B . -9.00 0.22 -1.75
C8 0RB B . -10.25 0.27 -2.48
C9 0RB B . -10.99 -1.03 -2.49
N9 0RB B . -10.60 -2.22 -1.94
N8 0RB B . -11.62 -3.15 -2.16
N7 0RB B . -12.64 -2.47 -2.84
C10 0RB B . -12.26 -1.20 -3.04
#